data_1JT9
#
_entry.id   1JT9
#
_cell.length_a   127.617
_cell.length_b   127.617
_cell.length_c   139.822
_cell.angle_alpha   90.00
_cell.angle_beta   90.00
_cell.angle_gamma   120.00
#
_symmetry.space_group_name_H-M   'P 63 2 2'
#
loop_
_entity.id
_entity.type
_entity.pdbx_description
1 polymer 'Glucosamine-6-Phosphate deaminase'
2 water water
#
_entity_poly.entity_id   1
_entity_poly.type   'polypeptide(L)'
_entity_poly.pdbx_seq_one_letter_code
;MRLIPLTTAEQVGKWAARHIVNRINAFKPTADRPFVLGLPTGGTPMTTYKALVEMHKAGQVSFKHVVTFNMDEYVGLPKE
HPESYYSFMHRNFFDHVDIPAENINLLNGNAPDIDAECRQYEEKIRSYGKIHLFMGGVGNDGHIAFNEPASSLASRTRIK
TLTHDTRVANSRFADNDVNQVPKYALTVGVGTLLDAEEVMILVLGSQKALALQAAVEGCVNHMWTISCLQLHPKAIMVCD
EPSTMELKVKTLRYFNELEAENIKGL
;
_entity_poly.pdbx_strand_id   A
#
# COMPACT_ATOMS: atom_id res chain seq x y z
N MET A 1 10.35 -13.08 -0.89
CA MET A 1 9.70 -11.94 -1.62
C MET A 1 9.23 -12.40 -2.97
N ARG A 2 8.11 -11.83 -3.43
CA ARG A 2 7.60 -12.16 -4.73
C ARG A 2 7.73 -10.91 -5.59
N LEU A 3 7.96 -11.10 -6.88
CA LEU A 3 8.05 -9.98 -7.81
C LEU A 3 7.13 -10.42 -8.93
N ILE A 4 6.06 -9.66 -9.14
CA ILE A 4 5.10 -9.95 -10.19
C ILE A 4 5.42 -9.02 -11.34
N PRO A 5 6.07 -9.53 -12.41
CA PRO A 5 6.41 -8.67 -13.55
C PRO A 5 5.29 -8.60 -14.56
N LEU A 6 4.67 -7.43 -14.67
CA LEU A 6 3.59 -7.26 -15.62
C LEU A 6 3.98 -6.17 -16.61
N THR A 7 3.16 -5.96 -17.63
CA THR A 7 3.49 -4.96 -18.63
C THR A 7 2.98 -3.56 -18.37
N THR A 8 1.69 -3.43 -18.13
CA THR A 8 1.08 -2.12 -17.93
C THR A 8 0.55 -1.83 -16.54
N ALA A 9 0.33 -0.55 -16.29
CA ALA A 9 -0.22 -0.07 -15.04
C ALA A 9 -1.61 -0.71 -14.83
N GLU A 10 -2.35 -0.87 -15.91
N GLU A 10 -2.41 -0.84 -15.90
CA GLU A 10 -3.66 -1.49 -15.79
CA GLU A 10 -3.77 -1.40 -15.81
C GLU A 10 -3.57 -2.95 -15.33
C GLU A 10 -3.68 -2.92 -15.42
N GLN A 11 -2.61 -3.66 -15.83
CA GLN A 11 -2.43 -5.08 -15.42
C GLN A 11 -2.03 -5.14 -13.94
N VAL A 12 -1.16 -4.22 -13.54
CA VAL A 12 -0.71 -4.19 -12.14
C VAL A 12 -1.94 -4.00 -11.25
N GLY A 13 -2.80 -3.04 -11.60
CA GLY A 13 -4.00 -2.79 -10.81
C GLY A 13 -4.92 -4.00 -10.75
N LYS A 14 -5.09 -4.68 -11.88
CA LYS A 14 -5.94 -5.87 -11.91
C LYS A 14 -5.34 -7.00 -11.08
N TRP A 15 -4.02 -7.14 -11.12
CA TRP A 15 -3.36 -8.20 -10.35
C TRP A 15 -3.46 -7.90 -8.85
N ALA A 16 -3.15 -6.66 -8.48
CA ALA A 16 -3.21 -6.23 -7.08
C ALA A 16 -4.64 -6.36 -6.53
N ALA A 17 -5.61 -5.91 -7.31
CA ALA A 17 -7.01 -5.98 -6.89
C ALA A 17 -7.44 -7.42 -6.62
N ARG A 18 -7.13 -8.30 -7.56
CA ARG A 18 -7.47 -9.72 -7.41
C ARG A 18 -6.81 -10.32 -6.18
N HIS A 19 -5.57 -9.94 -5.90
CA HIS A 19 -4.87 -10.47 -4.74
C HIS A 19 -5.59 -10.05 -3.45
N ILE A 20 -6.01 -8.80 -3.41
CA ILE A 20 -6.74 -8.29 -2.24
C ILE A 20 -8.07 -9.05 -2.09
N VAL A 21 -8.78 -9.21 -3.19
CA VAL A 21 -10.06 -9.91 -3.19
C VAL A 21 -9.89 -11.34 -2.69
N ASN A 22 -8.88 -12.04 -3.19
CA ASN A 22 -8.63 -13.41 -2.78
C ASN A 22 -8.29 -13.50 -1.30
N ARG A 23 -7.47 -12.57 -0.81
CA ARG A 23 -7.11 -12.59 0.61
C ARG A 23 -8.36 -12.37 1.47
N ILE A 24 -9.22 -11.45 1.03
CA ILE A 24 -10.45 -11.17 1.78
C ILE A 24 -11.37 -12.39 1.77
N ASN A 25 -11.70 -12.89 0.58
CA ASN A 25 -12.59 -14.03 0.47
C ASN A 25 -12.08 -15.30 1.17
N ALA A 26 -10.77 -15.42 1.32
CA ALA A 26 -10.23 -16.60 2.01
C ALA A 26 -10.29 -16.39 3.52
N PHE A 27 -10.18 -15.13 3.93
CA PHE A 27 -10.21 -14.77 5.34
C PHE A 27 -11.64 -14.88 5.87
N LYS A 28 -12.60 -14.55 5.01
CA LYS A 28 -14.03 -14.58 5.37
C LYS A 28 -14.26 -13.74 6.62
N PRO A 29 -14.16 -12.40 6.48
CA PRO A 29 -14.34 -11.47 7.59
C PRO A 29 -15.80 -11.37 8.07
N THR A 30 -15.95 -11.09 9.36
CA THR A 30 -17.25 -10.94 9.98
C THR A 30 -17.15 -9.70 10.88
N ALA A 31 -18.28 -9.29 11.45
CA ALA A 31 -18.31 -8.12 12.31
C ALA A 31 -17.32 -8.24 13.47
N ASP A 32 -17.17 -9.44 14.03
N ASP A 32 -17.19 -9.44 14.03
CA ASP A 32 -16.29 -9.63 15.16
CA ASP A 32 -16.27 -9.63 15.14
C ASP A 32 -14.84 -9.87 14.72
C ASP A 32 -14.82 -9.88 14.73
N ARG A 33 -14.63 -10.29 13.48
CA ARG A 33 -13.27 -10.53 12.98
C ARG A 33 -13.18 -9.94 11.58
N PRO A 34 -12.89 -8.63 11.49
CA PRO A 34 -12.79 -7.97 10.18
C PRO A 34 -11.42 -8.16 9.53
N PHE A 35 -11.38 -8.03 8.22
CA PHE A 35 -10.12 -8.12 7.47
C PHE A 35 -9.61 -6.68 7.47
N VAL A 36 -8.38 -6.47 7.97
CA VAL A 36 -7.78 -5.13 8.05
C VAL A 36 -6.83 -4.82 6.89
N LEU A 37 -7.20 -3.82 6.10
N LEU A 37 -7.19 -3.80 6.10
CA LEU A 37 -6.49 -3.41 4.90
CA LEU A 37 -6.48 -3.42 4.88
C LEU A 37 -5.81 -2.04 4.99
C LEU A 37 -5.81 -2.05 5.01
N GLY A 38 -4.50 -1.99 4.74
CA GLY A 38 -3.74 -0.74 4.77
C GLY A 38 -3.74 -0.19 3.34
N LEU A 39 -3.94 1.12 3.19
CA LEU A 39 -4.07 1.70 1.86
C LEU A 39 -3.32 2.98 1.59
N PRO A 40 -2.91 3.19 0.33
CA PRO A 40 -2.17 4.37 -0.14
C PRO A 40 -3.05 5.22 -1.06
N THR A 41 -2.54 6.38 -1.44
CA THR A 41 -3.25 7.28 -2.34
C THR A 41 -2.30 7.70 -3.47
N GLY A 42 -2.78 8.55 -4.36
CA GLY A 42 -1.92 9.02 -5.44
C GLY A 42 -2.17 8.36 -6.79
N GLY A 43 -1.34 8.73 -7.76
CA GLY A 43 -1.49 8.15 -9.08
C GLY A 43 -1.21 6.66 -9.14
N THR A 44 -0.23 6.20 -8.35
CA THR A 44 0.14 4.78 -8.37
C THR A 44 -0.99 3.78 -8.16
N PRO A 45 -1.78 3.91 -7.07
CA PRO A 45 -2.86 2.92 -6.89
C PRO A 45 -4.15 3.15 -7.70
N MET A 46 -4.16 4.15 -8.58
CA MET A 46 -5.37 4.43 -9.38
C MET A 46 -5.97 3.21 -10.08
N THR A 47 -5.19 2.50 -10.89
CA THR A 47 -5.76 1.34 -11.58
C THR A 47 -6.18 0.23 -10.63
N THR A 48 -5.58 0.16 -9.44
CA THR A 48 -5.97 -0.88 -8.49
C THR A 48 -7.37 -0.61 -7.90
N TYR A 49 -7.62 0.64 -7.50
CA TYR A 49 -8.93 1.00 -6.95
C TYR A 49 -9.99 0.78 -8.04
N LYS A 50 -9.66 1.20 -9.26
CA LYS A 50 -10.59 1.03 -10.37
C LYS A 50 -10.96 -0.45 -10.52
N ALA A 51 -9.96 -1.32 -10.45
CA ALA A 51 -10.20 -2.77 -10.55
C ALA A 51 -10.97 -3.32 -9.36
N LEU A 52 -10.65 -2.83 -8.16
CA LEU A 52 -11.33 -3.29 -6.96
C LEU A 52 -12.82 -2.96 -7.03
N VAL A 53 -13.13 -1.76 -7.53
CA VAL A 53 -14.52 -1.31 -7.66
C VAL A 53 -15.27 -2.17 -8.67
N GLU A 54 -14.70 -2.44 -9.86
N GLU A 54 -14.65 -2.44 -9.81
CA GLU A 54 -15.48 -3.28 -10.78
CA GLU A 54 -15.30 -3.28 -10.83
C GLU A 54 -15.65 -4.67 -10.21
C GLU A 54 -15.62 -4.64 -10.23
N MET A 55 -14.66 -5.21 -9.51
CA MET A 55 -14.86 -6.53 -8.92
C MET A 55 -16.00 -6.53 -7.90
N HIS A 56 -16.10 -5.44 -7.13
CA HIS A 56 -17.16 -5.33 -6.15
C HIS A 56 -18.50 -5.24 -6.87
N LYS A 57 -18.56 -4.43 -7.92
CA LYS A 57 -19.79 -4.29 -8.69
C LYS A 57 -20.21 -5.57 -9.41
N ALA A 58 -19.25 -6.47 -9.62
CA ALA A 58 -19.56 -7.74 -10.28
C ALA A 58 -19.96 -8.76 -9.24
N GLY A 59 -19.96 -8.35 -7.98
CA GLY A 59 -20.33 -9.25 -6.90
C GLY A 59 -19.24 -10.19 -6.43
N GLN A 60 -17.99 -9.89 -6.75
CA GLN A 60 -16.87 -10.76 -6.34
C GLN A 60 -16.34 -10.50 -4.93
N VAL A 61 -16.68 -9.35 -4.35
CA VAL A 61 -16.22 -9.04 -3.01
C VAL A 61 -17.11 -7.99 -2.33
N SER A 62 -17.12 -8.06 -1.02
CA SER A 62 -17.87 -7.12 -0.20
C SER A 62 -16.89 -6.56 0.81
N PHE A 63 -16.99 -5.27 1.08
CA PHE A 63 -16.12 -4.59 2.04
C PHE A 63 -16.88 -4.30 3.33
N LYS A 64 -18.04 -4.94 3.48
CA LYS A 64 -18.90 -4.77 4.64
C LYS A 64 -18.14 -5.02 5.94
N HIS A 65 -17.24 -6.00 5.94
CA HIS A 65 -16.47 -6.30 7.13
C HIS A 65 -14.96 -6.15 6.95
N VAL A 66 -14.62 -5.15 6.15
CA VAL A 66 -13.24 -4.79 5.88
C VAL A 66 -13.00 -3.45 6.57
N VAL A 67 -11.92 -3.38 7.32
CA VAL A 67 -11.51 -2.17 8.03
C VAL A 67 -10.27 -1.65 7.31
N THR A 68 -10.24 -0.35 7.02
CA THR A 68 -9.09 0.21 6.32
C THR A 68 -8.33 1.23 7.15
N PHE A 69 -7.03 1.34 6.90
CA PHE A 69 -6.17 2.33 7.54
C PHE A 69 -5.38 2.97 6.41
N ASN A 70 -5.46 4.30 6.27
CA ASN A 70 -4.71 4.96 5.22
C ASN A 70 -3.36 5.42 5.71
N MET A 71 -2.40 5.55 4.80
CA MET A 71 -1.03 5.94 5.14
C MET A 71 -0.81 7.37 5.62
N ASP A 72 -1.51 8.34 5.04
CA ASP A 72 -1.31 9.71 5.45
C ASP A 72 -2.45 10.67 5.20
N GLU A 73 -2.22 11.93 5.59
CA GLU A 73 -3.16 13.02 5.41
C GLU A 73 -2.41 14.34 5.63
N TYR A 74 -2.86 15.40 4.97
CA TYR A 74 -2.25 16.72 5.12
C TYR A 74 -2.69 17.37 6.42
N VAL A 75 -1.79 18.15 7.02
CA VAL A 75 -2.12 18.84 8.27
C VAL A 75 -2.75 20.20 7.99
N GLY A 76 -3.76 20.55 8.78
CA GLY A 76 -4.43 21.84 8.63
C GLY A 76 -5.27 22.04 7.39
N LEU A 77 -5.36 21.01 6.55
CA LEU A 77 -6.13 21.10 5.31
C LEU A 77 -7.57 20.62 5.57
N PRO A 78 -8.58 21.43 5.19
CA PRO A 78 -9.97 21.03 5.41
C PRO A 78 -10.27 19.65 4.83
N LYS A 79 -10.74 18.75 5.67
CA LYS A 79 -11.07 17.39 5.26
C LYS A 79 -11.82 17.30 3.93
N GLU A 80 -12.82 18.15 3.71
CA GLU A 80 -13.61 18.07 2.49
C GLU A 80 -12.92 18.76 1.31
N HIS A 81 -11.74 19.31 1.50
CA HIS A 81 -11.01 19.95 0.41
C HIS A 81 -10.77 18.88 -0.65
N PRO A 82 -10.90 19.23 -1.94
CA PRO A 82 -10.70 18.26 -3.03
C PRO A 82 -9.32 17.61 -3.12
N GLU A 83 -8.32 18.20 -2.49
CA GLU A 83 -6.96 17.66 -2.55
C GLU A 83 -6.53 16.86 -1.33
N SER A 84 -7.43 16.70 -0.37
CA SER A 84 -7.11 15.94 0.83
C SER A 84 -7.09 14.44 0.49
N TYR A 85 -6.47 13.65 1.36
CA TYR A 85 -6.39 12.21 1.17
C TYR A 85 -7.78 11.62 1.39
N TYR A 86 -8.53 12.24 2.29
CA TYR A 86 -9.91 11.85 2.58
C TYR A 86 -10.73 11.93 1.28
N SER A 87 -10.66 13.07 0.60
CA SER A 87 -11.43 13.26 -0.65
C SER A 87 -11.01 12.27 -1.72
N PHE A 88 -9.70 12.05 -1.83
CA PHE A 88 -9.19 11.12 -2.81
C PHE A 88 -9.73 9.71 -2.54
N MET A 89 -9.65 9.26 -1.29
CA MET A 89 -10.11 7.91 -0.96
C MET A 89 -11.61 7.68 -1.19
N HIS A 90 -12.44 8.65 -0.84
CA HIS A 90 -13.88 8.50 -1.07
C HIS A 90 -14.21 8.53 -2.55
N ARG A 91 -13.64 9.52 -3.23
CA ARG A 91 -13.87 9.69 -4.67
C ARG A 91 -13.44 8.49 -5.52
N ASN A 92 -12.32 7.89 -5.15
CA ASN A 92 -11.80 6.76 -5.93
C ASN A 92 -12.16 5.37 -5.41
N PHE A 93 -12.66 5.28 -4.20
CA PHE A 93 -12.94 3.97 -3.64
C PHE A 93 -14.19 3.87 -2.75
N PHE A 94 -14.19 4.56 -1.61
CA PHE A 94 -15.31 4.48 -0.67
C PHE A 94 -16.69 4.82 -1.25
N ASP A 95 -16.76 5.81 -2.16
CA ASP A 95 -18.04 6.19 -2.75
C ASP A 95 -18.67 5.07 -3.56
N HIS A 96 -17.84 4.10 -3.97
CA HIS A 96 -18.33 3.02 -4.82
C HIS A 96 -18.48 1.65 -4.21
N VAL A 97 -18.17 1.49 -2.93
CA VAL A 97 -18.28 0.17 -2.32
C VAL A 97 -19.10 0.21 -1.04
N ASP A 98 -19.38 -0.97 -0.48
CA ASP A 98 -20.22 -1.08 0.71
C ASP A 98 -19.52 -1.08 2.06
N ILE A 99 -18.45 -0.29 2.20
CA ILE A 99 -17.74 -0.25 3.48
C ILE A 99 -18.44 0.78 4.37
N PRO A 100 -18.65 0.45 5.65
CA PRO A 100 -19.31 1.38 6.58
C PRO A 100 -18.33 2.40 7.11
N ALA A 101 -18.84 3.60 7.38
CA ALA A 101 -18.03 4.69 7.87
C ALA A 101 -17.20 4.33 9.10
N GLU A 102 -17.76 3.52 10.00
CA GLU A 102 -17.01 3.17 11.20
C GLU A 102 -15.80 2.27 10.91
N ASN A 103 -15.75 1.68 9.72
CA ASN A 103 -14.62 0.81 9.34
C ASN A 103 -13.51 1.58 8.64
N ILE A 104 -13.72 2.87 8.40
CA ILE A 104 -12.72 3.69 7.70
C ILE A 104 -11.88 4.46 8.68
N ASN A 105 -10.56 4.35 8.55
CA ASN A 105 -9.64 5.06 9.42
C ASN A 105 -8.70 5.91 8.57
N LEU A 106 -8.76 7.21 8.80
CA LEU A 106 -7.94 8.17 8.10
C LEU A 106 -7.38 9.09 9.17
N LEU A 107 -6.13 9.49 9.03
CA LEU A 107 -5.54 10.40 10.02
C LEU A 107 -6.24 11.76 9.93
N ASN A 108 -6.54 12.35 11.09
CA ASN A 108 -7.21 13.65 11.13
C ASN A 108 -6.18 14.78 11.15
N GLY A 109 -5.92 15.34 9.97
CA GLY A 109 -4.95 16.40 9.86
C GLY A 109 -5.34 17.70 10.55
N ASN A 110 -6.53 17.72 11.14
CA ASN A 110 -7.01 18.91 11.82
C ASN A 110 -7.17 18.69 13.31
N ALA A 111 -6.63 17.58 13.80
CA ALA A 111 -6.71 17.27 15.23
C ALA A 111 -5.96 18.34 16.01
N PRO A 112 -6.51 18.75 17.17
CA PRO A 112 -5.90 19.78 18.02
C PRO A 112 -4.54 19.34 18.59
N ASP A 113 -4.46 18.08 19.00
CA ASP A 113 -3.24 17.53 19.54
C ASP A 113 -2.65 16.54 18.53
N ILE A 114 -1.76 17.03 17.67
CA ILE A 114 -1.13 16.21 16.64
C ILE A 114 -0.55 14.90 17.19
N ASP A 115 0.31 15.01 18.20
CA ASP A 115 0.92 13.84 18.80
C ASP A 115 -0.10 12.85 19.35
N ALA A 116 -1.21 13.35 19.88
CA ALA A 116 -2.25 12.49 20.41
C ALA A 116 -2.96 11.75 19.27
N GLU A 117 -3.22 12.47 18.18
CA GLU A 117 -3.88 11.91 17.00
C GLU A 117 -3.07 10.71 16.47
N CYS A 118 -1.77 10.92 16.26
CA CYS A 118 -0.89 9.86 15.76
C CYS A 118 -0.84 8.67 16.73
N ARG A 119 -0.78 8.97 18.02
CA ARG A 119 -0.74 7.95 19.05
C ARG A 119 -2.00 7.08 19.00
N GLN A 120 -3.15 7.73 18.87
CA GLN A 120 -4.43 7.01 18.81
C GLN A 120 -4.54 6.15 17.56
N TYR A 121 -3.95 6.62 16.46
CA TYR A 121 -3.99 5.87 15.21
C TYR A 121 -3.33 4.52 15.43
N GLU A 122 -2.14 4.54 16.04
CA GLU A 122 -1.40 3.30 16.32
C GLU A 122 -2.23 2.44 17.28
N GLU A 123 -2.89 3.11 18.24
N GLU A 123 -2.89 3.11 18.23
CA GLU A 123 -3.70 2.40 19.21
CA GLU A 123 -3.74 2.43 19.20
C GLU A 123 -4.87 1.69 18.50
C GLU A 123 -4.87 1.69 18.49
N LYS A 124 -5.52 2.38 17.57
CA LYS A 124 -6.64 1.80 16.80
C LYS A 124 -6.20 0.52 16.08
N ILE A 125 -5.03 0.53 15.46
CA ILE A 125 -4.55 -0.65 14.73
C ILE A 125 -4.37 -1.83 15.70
N ARG A 126 -3.74 -1.57 16.84
N ARG A 126 -3.74 -1.57 16.84
CA ARG A 126 -3.53 -2.63 17.82
CA ARG A 126 -3.53 -2.63 17.82
C ARG A 126 -4.85 -3.13 18.40
C ARG A 126 -4.85 -3.13 18.40
N SER A 127 -5.84 -2.25 18.52
CA SER A 127 -7.14 -2.67 19.04
C SER A 127 -7.70 -3.77 18.15
N TYR A 128 -7.42 -3.70 16.85
CA TYR A 128 -7.88 -4.73 15.93
C TYR A 128 -6.89 -5.90 15.97
N GLY A 129 -5.65 -5.59 16.33
CA GLY A 129 -4.64 -6.64 16.39
C GLY A 129 -3.54 -6.43 15.36
N LYS A 130 -3.86 -6.60 14.09
CA LYS A 130 -2.87 -6.40 13.05
C LYS A 130 -3.48 -6.11 11.68
N ILE A 131 -2.70 -5.46 10.83
CA ILE A 131 -3.13 -5.18 9.47
C ILE A 131 -2.81 -6.47 8.72
N HIS A 132 -3.81 -7.05 8.04
CA HIS A 132 -3.61 -8.31 7.32
C HIS A 132 -2.88 -8.12 5.99
N LEU A 133 -3.12 -6.97 5.36
CA LEU A 133 -2.48 -6.66 4.10
C LEU A 133 -2.33 -5.14 3.98
N PHE A 134 -1.10 -4.69 3.77
CA PHE A 134 -0.84 -3.27 3.62
C PHE A 134 -0.32 -3.02 2.22
N MET A 135 -1.08 -2.25 1.44
CA MET A 135 -0.68 -1.92 0.08
C MET A 135 -0.06 -0.53 0.08
N GLY A 136 1.04 -0.36 -0.65
CA GLY A 136 1.69 0.93 -0.71
C GLY A 136 2.39 1.17 -2.03
N GLY A 137 3.07 2.31 -2.12
CA GLY A 137 3.84 2.65 -3.30
C GLY A 137 5.28 2.78 -2.81
N VAL A 138 6.19 3.30 -3.64
CA VAL A 138 7.58 3.47 -3.20
C VAL A 138 8.15 4.74 -3.82
N GLY A 139 8.92 5.49 -3.05
CA GLY A 139 9.51 6.72 -3.59
C GLY A 139 10.64 6.44 -4.56
N ASN A 140 11.00 7.45 -5.37
CA ASN A 140 12.09 7.29 -6.33
C ASN A 140 13.38 6.92 -5.60
N ASP A 141 13.49 7.36 -4.35
CA ASP A 141 14.67 7.07 -3.53
C ASP A 141 14.45 5.90 -2.60
N GLY A 142 13.40 5.10 -2.89
CA GLY A 142 13.11 3.93 -2.06
C GLY A 142 12.34 4.18 -0.78
N HIS A 143 11.97 5.42 -0.48
CA HIS A 143 11.25 5.67 0.78
C HIS A 143 9.79 5.21 0.75
N ILE A 144 9.20 5.13 1.95
N ILE A 144 9.19 5.12 1.94
CA ILE A 144 7.81 4.70 2.10
CA ILE A 144 7.81 4.71 2.10
C ILE A 144 6.98 5.83 2.72
C ILE A 144 6.98 5.82 2.71
N ALA A 145 5.80 6.07 2.13
CA ALA A 145 4.90 7.13 2.60
C ALA A 145 5.71 8.42 2.75
N PHE A 146 5.59 9.10 3.88
CA PHE A 146 6.34 10.33 4.11
C PHE A 146 7.56 10.10 4.98
N ASN A 147 7.94 8.84 5.16
CA ASN A 147 9.12 8.51 5.94
C ASN A 147 10.37 8.88 5.13
N GLU A 148 11.34 9.46 5.81
CA GLU A 148 12.59 9.87 5.19
C GLU A 148 13.55 8.71 4.93
N PRO A 149 14.51 8.88 4.00
CA PRO A 149 15.45 7.78 3.77
C PRO A 149 16.19 7.73 5.12
N ALA A 150 16.68 6.56 5.51
CA ALA A 150 17.40 6.38 6.77
C ALA A 150 16.44 6.48 7.95
N SER A 151 15.15 6.29 7.69
CA SER A 151 14.17 6.30 8.77
C SER A 151 14.43 5.03 9.56
N SER A 152 14.10 5.05 10.85
CA SER A 152 14.23 3.87 11.68
C SER A 152 13.20 2.86 11.15
N LEU A 153 13.55 1.58 11.17
CA LEU A 153 12.61 0.56 10.71
C LEU A 153 11.49 0.36 11.74
N ALA A 154 11.63 1.01 12.89
CA ALA A 154 10.60 0.89 13.92
C ALA A 154 9.88 2.20 14.10
N SER A 155 10.06 3.13 13.17
CA SER A 155 9.39 4.43 13.27
C SER A 155 7.86 4.22 13.28
N ARG A 156 7.15 5.14 13.92
CA ARG A 156 5.70 5.06 14.06
C ARG A 156 4.99 6.28 13.47
N THR A 157 3.65 6.25 13.49
CA THR A 157 2.87 7.36 12.95
C THR A 157 3.29 8.68 13.61
N ARG A 158 3.52 9.70 12.78
CA ARG A 158 3.98 10.99 13.28
C ARG A 158 3.82 12.06 12.23
N ILE A 159 4.07 13.31 12.62
CA ILE A 159 3.97 14.42 11.70
C ILE A 159 5.32 14.58 10.99
N LYS A 160 5.28 15.03 9.73
CA LYS A 160 6.49 15.20 8.94
C LYS A 160 6.44 16.51 8.16
N THR A 161 7.61 17.13 8.02
CA THR A 161 7.71 18.38 7.28
C THR A 161 7.96 17.99 5.83
N LEU A 162 7.07 18.40 4.94
CA LEU A 162 7.19 18.07 3.52
C LEU A 162 8.45 18.65 2.90
N PRO A 182 -0.05 22.50 1.71
CA PRO A 182 0.21 22.49 3.15
C PRO A 182 1.70 22.42 3.47
N LYS A 183 2.04 22.57 4.75
CA LYS A 183 3.43 22.52 5.17
C LYS A 183 3.80 21.17 5.80
N TYR A 184 2.84 20.54 6.47
CA TYR A 184 3.09 19.27 7.12
C TYR A 184 2.09 18.19 6.72
N ALA A 185 2.41 16.95 7.09
CA ALA A 185 1.55 15.81 6.82
C ALA A 185 1.75 14.79 7.93
N LEU A 186 0.71 14.00 8.17
CA LEU A 186 0.77 12.93 9.17
C LEU A 186 1.00 11.67 8.35
N THR A 187 1.94 10.82 8.78
CA THR A 187 2.23 9.60 8.03
C THR A 187 2.50 8.41 8.93
N VAL A 188 2.05 7.23 8.52
CA VAL A 188 2.31 6.03 9.30
C VAL A 188 3.82 5.81 9.22
N GLY A 189 4.39 5.11 10.19
CA GLY A 189 5.83 4.87 10.17
C GLY A 189 6.20 3.58 9.46
N VAL A 190 7.50 3.35 9.30
CA VAL A 190 7.99 2.14 8.66
C VAL A 190 7.64 0.93 9.51
N GLY A 191 7.69 1.11 10.83
CA GLY A 191 7.35 0.02 11.74
C GLY A 191 5.88 -0.31 11.58
N THR A 192 5.06 0.72 11.43
CA THR A 192 3.62 0.53 11.23
C THR A 192 3.40 -0.38 10.01
N LEU A 193 4.11 -0.08 8.92
CA LEU A 193 3.99 -0.86 7.69
C LEU A 193 4.54 -2.28 7.88
N LEU A 194 5.74 -2.40 8.45
CA LEU A 194 6.34 -3.71 8.66
C LEU A 194 5.55 -4.65 9.58
N ASP A 195 4.77 -4.09 10.50
CA ASP A 195 3.98 -4.92 11.41
C ASP A 195 2.82 -5.60 10.69
N ALA A 196 2.56 -5.20 9.44
CA ALA A 196 1.47 -5.82 8.69
C ALA A 196 1.85 -7.27 8.37
N GLU A 197 0.85 -8.14 8.31
CA GLU A 197 1.09 -9.54 8.00
C GLU A 197 1.65 -9.74 6.60
N GLU A 198 1.21 -8.90 5.67
CA GLU A 198 1.66 -8.99 4.30
C GLU A 198 1.75 -7.57 3.75
N VAL A 199 2.80 -7.30 2.97
CA VAL A 199 3.02 -5.98 2.40
C VAL A 199 3.10 -6.12 0.88
N MET A 200 2.30 -5.35 0.17
CA MET A 200 2.30 -5.36 -1.28
C MET A 200 2.57 -3.97 -1.83
N ILE A 201 3.68 -3.83 -2.52
CA ILE A 201 4.09 -2.54 -3.06
C ILE A 201 3.89 -2.50 -4.57
N LEU A 202 3.19 -1.45 -5.02
N LEU A 202 3.17 -1.46 -5.01
CA LEU A 202 2.91 -1.21 -6.43
CA LEU A 202 2.93 -1.21 -6.43
C LEU A 202 4.07 -0.39 -6.98
C LEU A 202 4.06 -0.37 -7.00
N VAL A 203 4.70 -0.86 -8.06
CA VAL A 203 5.83 -0.14 -8.66
C VAL A 203 5.55 0.18 -10.12
N LEU A 204 5.38 1.46 -10.43
CA LEU A 204 5.07 1.89 -11.78
C LEU A 204 5.97 3.00 -12.29
N GLY A 205 6.46 2.85 -13.51
CA GLY A 205 7.30 3.88 -14.11
C GLY A 205 8.80 3.68 -14.03
N SER A 206 9.50 4.16 -15.06
CA SER A 206 10.96 4.05 -15.12
C SER A 206 11.60 4.86 -13.99
N GLN A 207 10.90 5.86 -13.44
N GLN A 207 10.79 5.79 -13.51
CA GLN A 207 11.45 6.68 -12.35
CA GLN A 207 11.04 6.67 -12.39
C GLN A 207 11.59 5.84 -11.06
C GLN A 207 11.48 5.87 -11.14
N LYS A 208 10.91 4.67 -11.03
CA LYS A 208 11.00 3.77 -9.87
C LYS A 208 11.99 2.63 -10.13
N ALA A 209 12.67 2.66 -11.28
CA ALA A 209 13.61 1.58 -11.62
C ALA A 209 14.73 1.36 -10.61
N LEU A 210 15.36 2.43 -10.16
CA LEU A 210 16.44 2.27 -9.17
C LEU A 210 15.90 1.73 -7.84
N ALA A 211 14.70 2.16 -7.46
CA ALA A 211 14.08 1.67 -6.22
C ALA A 211 13.74 0.16 -6.33
N LEU A 212 13.27 -0.28 -7.49
N LEU A 212 13.27 -0.26 -7.49
CA LEU A 212 12.94 -1.69 -7.68
CA LEU A 212 12.95 -1.68 -7.67
C LEU A 212 14.22 -2.51 -7.57
C LEU A 212 14.22 -2.52 -7.58
N GLN A 213 15.27 -2.02 -8.22
CA GLN A 213 16.56 -2.69 -8.19
C GLN A 213 17.06 -2.84 -6.75
N ALA A 214 16.96 -1.76 -5.97
CA ALA A 214 17.41 -1.81 -4.57
C ALA A 214 16.59 -2.78 -3.76
N ALA A 215 15.29 -2.86 -4.04
CA ALA A 215 14.40 -3.76 -3.32
C ALA A 215 14.65 -5.25 -3.63
N VAL A 216 14.85 -5.54 -4.92
CA VAL A 216 15.01 -6.92 -5.34
C VAL A 216 16.44 -7.47 -5.42
N GLU A 217 17.35 -6.72 -6.04
CA GLU A 217 18.73 -7.15 -6.21
C GLU A 217 19.75 -6.62 -5.22
N GLY A 218 19.46 -5.48 -4.62
CA GLY A 218 20.41 -4.88 -3.70
C GLY A 218 20.45 -5.53 -2.33
N CYS A 219 21.33 -5.03 -1.48
N CYS A 219 21.34 -5.04 -1.50
CA CYS A 219 21.45 -5.57 -0.13
CA CYS A 219 21.44 -5.56 -0.14
C CYS A 219 20.63 -4.72 0.82
C CYS A 219 20.62 -4.72 0.83
N VAL A 220 20.34 -5.27 2.00
CA VAL A 220 19.55 -4.55 2.99
C VAL A 220 20.31 -3.32 3.49
N ASN A 221 19.65 -2.17 3.48
CA ASN A 221 20.29 -0.93 3.95
C ASN A 221 19.21 0.11 4.24
N HIS A 222 19.38 0.86 5.32
CA HIS A 222 18.37 1.83 5.70
C HIS A 222 18.24 3.05 4.78
N MET A 223 19.19 3.28 3.87
CA MET A 223 19.08 4.44 2.96
C MET A 223 17.96 4.23 1.92
N TRP A 224 17.78 2.98 1.49
CA TRP A 224 16.72 2.61 0.55
C TRP A 224 15.76 1.80 1.42
N THR A 225 14.82 2.47 2.06
CA THR A 225 13.89 1.80 2.97
C THR A 225 13.23 0.56 2.40
N ILE A 226 12.85 0.64 1.13
CA ILE A 226 12.19 -0.48 0.47
C ILE A 226 13.04 -1.77 0.55
N SER A 227 14.37 -1.64 0.63
CA SER A 227 15.21 -2.84 0.70
C SER A 227 14.98 -3.63 1.98
N CYS A 228 14.46 -2.98 3.02
CA CYS A 228 14.26 -3.73 4.23
C CYS A 228 13.08 -4.70 4.15
N LEU A 229 12.30 -4.64 3.06
CA LEU A 229 11.19 -5.60 2.90
C LEU A 229 11.76 -7.01 2.65
N GLN A 230 13.05 -7.08 2.35
CA GLN A 230 13.70 -8.38 2.14
C GLN A 230 13.66 -9.19 3.45
N LEU A 231 13.53 -8.49 4.57
CA LEU A 231 13.51 -9.12 5.88
C LEU A 231 12.07 -9.40 6.35
N HIS A 232 11.10 -8.87 5.62
CA HIS A 232 9.70 -9.06 5.98
C HIS A 232 9.22 -10.46 5.60
N PRO A 233 8.41 -11.09 6.48
CA PRO A 233 7.93 -12.45 6.19
C PRO A 233 7.08 -12.65 4.94
N LYS A 234 6.38 -11.62 4.48
CA LYS A 234 5.55 -11.80 3.30
C LYS A 234 5.39 -10.51 2.51
N ALA A 235 6.37 -10.24 1.63
CA ALA A 235 6.39 -9.04 0.80
C ALA A 235 6.22 -9.35 -0.67
N ILE A 236 5.46 -8.50 -1.36
CA ILE A 236 5.22 -8.66 -2.79
C ILE A 236 5.42 -7.33 -3.52
N MET A 237 6.12 -7.35 -4.65
CA MET A 237 6.32 -6.16 -5.46
C MET A 237 5.55 -6.47 -6.74
N VAL A 238 4.67 -5.56 -7.15
CA VAL A 238 3.88 -5.75 -8.38
C VAL A 238 4.34 -4.60 -9.25
N CYS A 239 4.96 -4.91 -10.39
N CYS A 239 4.99 -4.90 -10.38
CA CYS A 239 5.52 -3.87 -11.21
CA CYS A 239 5.47 -3.77 -11.19
C CYS A 239 5.16 -3.89 -12.69
C CYS A 239 5.13 -3.88 -12.67
N ASP A 240 5.32 -2.75 -13.35
CA ASP A 240 5.04 -2.68 -14.78
C ASP A 240 6.38 -2.80 -15.52
N GLU A 241 6.34 -2.82 -16.84
N GLU A 241 6.34 -2.82 -16.84
CA GLU A 241 7.56 -2.98 -17.62
CA GLU A 241 7.56 -2.98 -17.62
C GLU A 241 8.61 -1.88 -17.50
C GLU A 241 8.61 -1.88 -17.50
N PRO A 242 8.20 -0.61 -17.61
CA PRO A 242 9.17 0.49 -17.50
C PRO A 242 9.97 0.50 -16.18
N SER A 243 9.40 -0.05 -15.12
CA SER A 243 10.08 -0.05 -13.83
C SER A 243 11.19 -1.08 -13.68
N THR A 244 11.30 -2.00 -14.63
CA THR A 244 12.31 -3.06 -14.57
C THR A 244 13.65 -2.69 -15.24
N MET A 245 13.78 -1.45 -15.71
CA MET A 245 14.98 -1.00 -16.41
C MET A 245 16.34 -1.25 -15.76
N GLU A 246 16.41 -1.21 -14.42
CA GLU A 246 17.68 -1.38 -13.74
C GLU A 246 17.99 -2.79 -13.27
N LEU A 247 17.08 -3.73 -13.52
CA LEU A 247 17.29 -5.11 -13.13
C LEU A 247 18.14 -5.81 -14.20
N LYS A 248 18.82 -6.88 -13.79
CA LYS A 248 19.58 -7.68 -14.74
C LYS A 248 18.56 -8.49 -15.53
N VAL A 249 18.84 -8.71 -16.80
CA VAL A 249 17.97 -9.51 -17.64
C VAL A 249 17.64 -10.85 -16.96
N LYS A 250 18.64 -11.51 -16.37
CA LYS A 250 18.35 -12.80 -15.74
C LYS A 250 17.43 -12.71 -14.51
N THR A 251 17.45 -11.57 -13.82
CA THR A 251 16.60 -11.40 -12.64
C THR A 251 15.16 -11.36 -13.08
N LEU A 252 14.87 -10.56 -14.09
CA LEU A 252 13.51 -10.44 -14.60
C LEU A 252 13.08 -11.79 -15.19
N ARG A 253 13.97 -12.45 -15.91
CA ARG A 253 13.63 -13.75 -16.49
C ARG A 253 13.26 -14.75 -15.39
N TYR A 254 14.01 -14.73 -14.31
CA TYR A 254 13.76 -15.64 -13.19
C TYR A 254 12.36 -15.45 -12.59
N PHE A 255 11.97 -14.21 -12.35
CA PHE A 255 10.65 -13.97 -11.78
C PHE A 255 9.54 -14.20 -12.79
N ASN A 256 9.82 -13.89 -14.06
CA ASN A 256 8.83 -14.09 -15.11
C ASN A 256 8.44 -15.55 -15.20
N GLU A 257 9.44 -16.43 -15.13
N GLU A 257 9.43 -16.44 -15.12
CA GLU A 257 9.18 -17.87 -15.23
CA GLU A 257 9.19 -17.87 -15.23
C GLU A 257 8.49 -18.41 -13.99
C GLU A 257 8.49 -18.41 -13.99
N LEU A 258 8.97 -17.99 -12.82
CA LEU A 258 8.40 -18.44 -11.57
C LEU A 258 6.95 -17.99 -11.32
N GLU A 259 6.59 -16.84 -11.87
CA GLU A 259 5.27 -16.24 -11.65
C GLU A 259 4.39 -16.36 -12.89
N ALA A 260 4.90 -17.01 -13.93
CA ALA A 260 4.15 -17.18 -15.19
C ALA A 260 2.71 -17.67 -15.03
N GLU A 261 2.52 -18.65 -14.15
CA GLU A 261 1.18 -19.21 -13.95
C GLU A 261 0.27 -18.32 -13.10
N ASN A 262 0.84 -17.37 -12.37
CA ASN A 262 0.06 -16.50 -11.52
C ASN A 262 -0.32 -15.15 -12.11
N ILE A 263 0.05 -14.91 -13.37
CA ILE A 263 -0.28 -13.65 -14.01
C ILE A 263 -1.22 -13.86 -15.19
N LYS A 264 -1.66 -15.10 -15.38
CA LYS A 264 -2.58 -15.44 -16.47
C LYS A 264 -3.96 -14.84 -16.16
N GLY A 265 -4.43 -13.97 -17.06
CA GLY A 265 -5.72 -13.33 -16.85
C GLY A 265 -5.57 -12.04 -16.07
N LEU A 266 -4.37 -11.82 -15.53
CA LEU A 266 -4.02 -10.64 -14.74
C LEU A 266 -4.77 -10.58 -13.41
#